data_9NAZ
#
_entry.id   9NAZ
#
_cell.length_a   67.755
_cell.length_b   68.728
_cell.length_c   138.245
_cell.angle_alpha   90.000
_cell.angle_beta   90.000
_cell.angle_gamma   90.000
#
_symmetry.space_group_name_H-M   'P 21 21 21'
#
loop_
_entity.id
_entity.type
_entity.pdbx_description
1 polymer 'Guanine-N7 methyltransferase nsp14'
2 non-polymer 'ZINC ION'
3 non-polymer 'PHOSPHATE ION'
4 non-polymer N-[(4-ethenyl-1,3-thiazol-2-yl)methyl]-1H-pyrazole-3-carboxamide
5 water water
#
_entity_poly.entity_id   1
_entity_poly.type   'polypeptide(L)'
_entity_poly.pdbx_seq_one_letter_code
;SMLFKDCSKVITGLHPTQAPTHLSVDTKFKTEGLCVDIPGIPKDMTYRRLISMMGFKMNYQVNGYPNMFITREEAIRHVR
AWIGFDVEGCHATREAVGTNLPLQLGFSTGVNLVAVPTGYVDTPNNTDFSRVSAKPPPGDQFKHLIPLMYKGLPWNVVRI
KIVQMLSDTLKNLSDRVVFVLWAHGFELTSMKYFVKIGPERTCCLCDRRATCFSTASDTYACWHHSIGFDYVYNPFMIDV
QQWGFTGNLQSNHDLYCQVHGNAHVASCDAIMTRCLAVHECFVKRVDWTIEYPIIGDELKINAACRKVQHMVVKAALLAD
KFPVLHDIGNPKAIKCVPQADVEWKFYDAQPCSDKAYKIEELFYSYATHSDKFTDGVCLFWNCNVDRYPANSIVCRFDTR
VLSNLNLPGCDGGSLYVNKHAFHTPAFDKSAFVNLKQLPFFYYSDSPCESHGKQVVSDIDYVPLKSATCITRCNLGGAVC
RHHANEYRLYLDAYNMMISAGFSLWVYKQFDTYNLWNTFTRLQ
;
_entity_poly.pdbx_strand_id   A
#
# COMPACT_ATOMS: atom_id res chain seq x y z
N HIS A 22 6.51 -11.30 -20.60
CA HIS A 22 6.94 -9.99 -21.06
C HIS A 22 6.21 -9.48 -22.35
N LEU A 23 6.25 -8.19 -22.52
CA LEU A 23 5.50 -7.54 -23.58
C LEU A 23 6.37 -7.51 -24.82
N SER A 24 5.88 -8.12 -25.89
CA SER A 24 6.64 -8.14 -27.11
C SER A 24 6.85 -6.74 -27.63
N VAL A 25 8.10 -6.42 -27.97
CA VAL A 25 8.30 -5.14 -28.61
C VAL A 25 7.56 -5.01 -29.94
N ASP A 26 7.14 -6.10 -30.60
CA ASP A 26 6.37 -6.03 -31.85
C ASP A 26 4.88 -5.77 -31.62
N THR A 27 4.45 -5.66 -30.38
CA THR A 27 3.06 -5.30 -30.13
C THR A 27 2.77 -3.87 -30.58
N LYS A 28 1.52 -3.63 -30.97
CA LYS A 28 1.06 -2.30 -31.38
C LYS A 28 0.82 -1.38 -30.18
N PHE A 29 1.26 -0.13 -30.34
CA PHE A 29 1.04 0.98 -29.44
C PHE A 29 0.10 1.94 -30.16
N LYS A 30 -0.99 2.33 -29.48
CA LYS A 30 -1.92 3.31 -30.05
C LYS A 30 -1.32 4.70 -29.90
N THR A 31 -1.29 5.47 -30.99
CA THR A 31 -0.53 6.72 -31.01
C THR A 31 -1.39 7.96 -30.92
N GLU A 32 -2.72 7.82 -31.00
CA GLU A 32 -3.62 8.98 -31.01
C GLU A 32 -3.38 9.89 -29.82
N GLY A 33 -3.14 9.32 -28.65
CA GLY A 33 -2.84 10.17 -27.50
C GLY A 33 -1.64 11.04 -27.68
N LEU A 34 -0.71 10.63 -28.51
CA LEU A 34 0.55 11.35 -28.66
C LEU A 34 0.55 12.40 -29.76
N CYS A 35 -0.53 12.48 -30.57
CA CYS A 35 -0.43 13.25 -31.80
C CYS A 35 -0.49 14.75 -31.58
N VAL A 36 -0.72 15.18 -30.37
CA VAL A 36 -0.78 16.62 -30.12
C VAL A 36 0.61 17.19 -29.87
N ASP A 37 1.37 16.58 -28.98
CA ASP A 37 2.79 16.90 -28.85
C ASP A 37 3.62 16.46 -30.08
N ILE A 38 3.14 15.52 -30.88
CA ILE A 38 3.90 14.94 -32.00
C ILE A 38 2.98 14.86 -33.21
N PRO A 39 2.75 15.97 -33.89
CA PRO A 39 1.89 15.92 -35.08
C PRO A 39 2.48 15.04 -36.17
N GLY A 40 1.62 14.26 -36.82
CA GLY A 40 2.08 13.41 -37.92
C GLY A 40 2.60 12.06 -37.51
N ILE A 41 2.52 11.72 -36.24
CA ILE A 41 2.97 10.42 -35.78
C ILE A 41 2.20 9.33 -36.52
N PRO A 42 2.89 8.29 -37.00
CA PRO A 42 2.18 7.22 -37.67
C PRO A 42 1.14 6.61 -36.77
N LYS A 43 0.03 6.19 -37.39
CA LYS A 43 -0.97 5.45 -36.65
C LYS A 43 -0.51 4.04 -36.37
N ASP A 44 0.17 3.44 -37.31
CA ASP A 44 0.68 2.08 -37.21
C ASP A 44 2.05 2.17 -36.57
N MET A 45 2.16 1.61 -35.36
CA MET A 45 3.32 1.80 -34.52
C MET A 45 3.52 0.61 -33.60
N THR A 46 4.73 0.14 -33.51
CA THR A 46 5.07 -0.89 -32.52
C THR A 46 5.86 -0.29 -31.36
N TYR A 47 5.99 -1.07 -30.29
CA TYR A 47 6.88 -0.62 -29.23
C TYR A 47 8.32 -0.50 -29.74
N ARG A 48 8.77 -1.43 -30.58
CA ARG A 48 10.11 -1.36 -31.18
C ARG A 48 10.39 -0.01 -31.83
N ARG A 49 9.50 0.42 -32.70
CA ARG A 49 9.66 1.71 -33.35
C ARG A 49 9.50 2.86 -32.38
N LEU A 50 8.62 2.72 -31.40
CA LEU A 50 8.47 3.77 -30.40
C LEU A 50 9.77 4.01 -29.63
N ILE A 51 10.35 2.96 -29.07
CA ILE A 51 11.61 3.10 -28.34
C ILE A 51 12.68 3.74 -29.23
N SER A 52 12.71 3.35 -30.50
CA SER A 52 13.70 3.95 -31.38
C SER A 52 13.44 5.44 -31.55
N MET A 53 12.19 5.84 -31.62
CA MET A 53 11.87 7.24 -31.76
C MET A 53 12.17 7.99 -30.47
N MET A 54 12.20 7.27 -29.37
CA MET A 54 12.48 7.90 -28.10
C MET A 54 13.99 8.11 -27.92
N GLY A 55 14.80 7.77 -28.92
CA GLY A 55 16.23 7.93 -28.86
C GLY A 55 17.01 6.79 -28.28
N PHE A 56 16.40 5.64 -28.04
CA PHE A 56 17.08 4.51 -27.41
C PHE A 56 17.33 3.40 -28.44
N LYS A 57 18.30 2.55 -28.17
CA LYS A 57 18.50 1.41 -29.05
C LYS A 57 18.76 0.10 -28.34
N ASN A 63 18.80 -9.92 -23.15
CA ASN A 63 19.73 -9.40 -22.17
C ASN A 63 19.08 -9.11 -20.80
N GLY A 64 17.83 -9.56 -20.69
CA GLY A 64 17.05 -9.46 -19.49
C GLY A 64 16.18 -8.21 -19.44
N TYR A 65 16.37 -7.27 -20.34
CA TYR A 65 15.61 -6.03 -20.45
C TYR A 65 14.99 -6.10 -21.86
N PRO A 66 13.96 -6.92 -22.03
CA PRO A 66 13.48 -7.14 -23.41
C PRO A 66 12.69 -5.96 -23.97
N ASN A 67 12.01 -5.21 -23.11
CA ASN A 67 11.16 -4.09 -23.50
C ASN A 67 11.19 -3.09 -22.35
N MET A 68 11.23 -1.80 -22.69
CA MET A 68 11.15 -0.83 -21.62
C MET A 68 9.72 -0.76 -21.08
N PHE A 69 8.76 -1.12 -21.93
CA PHE A 69 7.37 -1.15 -21.59
C PHE A 69 6.99 -2.53 -21.08
N ILE A 70 6.02 -2.55 -20.15
CA ILE A 70 5.57 -3.79 -19.55
C ILE A 70 4.06 -3.93 -19.66
N THR A 71 3.61 -5.14 -19.38
CA THR A 71 2.19 -5.48 -19.38
C THR A 71 1.52 -5.07 -18.09
N ARG A 72 0.19 -4.97 -18.17
CA ARG A 72 -0.58 -4.72 -16.95
C ARG A 72 -0.32 -5.77 -15.87
N GLU A 73 -0.17 -7.01 -16.27
CA GLU A 73 0.10 -8.05 -15.30
C GLU A 73 1.45 -7.81 -14.64
N GLU A 74 2.48 -7.59 -15.44
CA GLU A 74 3.77 -7.29 -14.83
C GLU A 74 3.66 -6.07 -13.94
N ALA A 75 2.90 -5.06 -14.37
CA ALA A 75 2.82 -3.84 -13.58
C ALA A 75 2.17 -4.12 -12.23
N ILE A 76 1.13 -4.96 -12.23
CA ILE A 76 0.39 -5.29 -11.02
C ILE A 76 1.33 -5.99 -10.05
N ARG A 77 2.19 -6.88 -10.56
CA ARG A 77 3.14 -7.55 -9.68
C ARG A 77 4.14 -6.57 -9.09
N HIS A 78 4.43 -5.47 -9.78
CA HIS A 78 5.36 -4.47 -9.27
C HIS A 78 4.64 -3.17 -8.90
N VAL A 79 3.44 -3.28 -8.33
CA VAL A 79 2.76 -2.08 -7.87
C VAL A 79 3.66 -1.24 -6.96
N ARG A 80 4.48 -1.85 -6.11
CA ARG A 80 5.28 -1.03 -5.21
C ARG A 80 6.20 -0.09 -5.96
N ALA A 81 6.51 -0.38 -7.22
CA ALA A 81 7.48 0.40 -7.97
C ALA A 81 6.84 1.56 -8.72
N TRP A 82 5.50 1.73 -8.60
CA TRP A 82 4.79 2.64 -9.49
C TRP A 82 5.05 4.07 -9.12
N ILE A 83 5.50 4.86 -10.10
CA ILE A 83 5.73 6.30 -9.94
C ILE A 83 5.01 6.97 -11.11
N GLY A 84 3.92 7.68 -10.82
CA GLY A 84 3.20 8.37 -11.89
C GLY A 84 4.07 9.50 -12.38
N PHE A 85 3.98 9.77 -13.70
CA PHE A 85 4.95 10.67 -14.36
C PHE A 85 4.31 11.39 -15.54
N ASP A 86 4.49 12.70 -15.56
CA ASP A 86 3.90 13.60 -16.54
C ASP A 86 4.88 14.71 -16.82
N VAL A 87 4.92 15.12 -18.08
CA VAL A 87 5.70 16.25 -18.54
C VAL A 87 4.79 17.22 -19.28
N GLU A 88 4.92 18.51 -18.98
CA GLU A 88 4.05 19.51 -19.58
C GLU A 88 4.90 20.59 -20.22
N GLY A 89 4.56 20.94 -21.45
CA GLY A 89 5.24 21.97 -22.19
C GLY A 89 4.59 23.32 -22.01
N CYS A 90 5.09 24.28 -22.77
CA CYS A 90 4.62 25.67 -22.74
C CYS A 90 3.74 26.01 -23.97
N ASN A 100 12.62 23.03 -26.94
CA ASN A 100 11.89 24.20 -27.22
C ASN A 100 11.08 24.71 -26.06
N LEU A 101 11.66 25.71 -25.38
CA LEU A 101 11.08 26.32 -24.19
C LEU A 101 11.07 25.32 -23.05
N PRO A 102 10.78 25.77 -21.84
CA PRO A 102 11.00 24.87 -20.70
C PRO A 102 9.91 23.84 -20.52
N LEU A 103 10.24 22.80 -19.74
CA LEU A 103 9.34 21.68 -19.47
C LEU A 103 9.15 21.45 -17.97
N GLN A 104 7.91 21.25 -17.57
CA GLN A 104 7.62 20.93 -16.18
C GLN A 104 7.46 19.44 -16.04
N LEU A 105 8.32 18.82 -15.25
CA LEU A 105 8.26 17.40 -15.02
C LEU A 105 7.58 17.17 -13.68
N GLY A 106 6.49 16.43 -13.68
CA GLY A 106 5.76 16.15 -12.45
C GLY A 106 5.80 14.68 -12.11
N PHE A 107 5.81 14.38 -10.81
CA PHE A 107 5.86 13.01 -10.34
C PHE A 107 4.85 12.84 -9.23
N SER A 108 4.41 11.60 -9.03
CA SER A 108 3.33 11.29 -8.08
C SER A 108 3.83 11.43 -6.65
N THR A 109 5.09 11.75 -6.48
CA THR A 109 5.59 12.10 -5.17
C THR A 109 5.17 13.50 -4.74
N GLY A 110 4.62 14.30 -5.67
CA GLY A 110 4.34 15.70 -5.44
C GLY A 110 5.39 16.65 -5.99
N VAL A 111 6.52 16.17 -6.46
CA VAL A 111 7.59 17.02 -6.96
C VAL A 111 7.32 17.48 -8.39
N ASN A 112 7.54 18.77 -8.63
CA ASN A 112 7.61 19.34 -9.97
C ASN A 112 9.00 19.92 -10.18
N LEU A 113 9.64 19.56 -11.28
CA LEU A 113 10.94 20.09 -11.66
C LEU A 113 10.77 20.75 -13.01
N VAL A 114 11.44 21.87 -13.20
CA VAL A 114 11.47 22.56 -14.49
C VAL A 114 12.85 22.34 -15.10
N ALA A 115 12.86 21.76 -16.31
CA ALA A 115 14.08 21.62 -17.11
C ALA A 115 14.04 22.63 -18.26
N VAL A 116 15.18 23.27 -18.50
CA VAL A 116 15.34 24.26 -19.56
C VAL A 116 16.37 23.72 -20.56
N PRO A 117 16.14 23.81 -21.87
CA PRO A 117 17.11 23.34 -22.87
C PRO A 117 18.15 24.41 -23.22
N MET A 149 7.66 22.02 -6.40
CA MET A 149 7.94 23.13 -7.30
C MET A 149 9.39 23.68 -7.24
N TYR A 150 10.01 23.78 -8.40
CA TYR A 150 11.43 24.21 -8.47
C TYR A 150 11.68 24.99 -9.74
N LYS A 151 12.60 25.93 -9.66
CA LYS A 151 12.86 26.84 -10.77
C LYS A 151 13.73 26.18 -11.85
N GLY A 152 13.64 26.71 -13.06
CA GLY A 152 14.24 26.08 -14.22
C GLY A 152 15.72 25.82 -14.19
N LEU A 153 16.14 24.64 -14.63
CA LEU A 153 17.54 24.24 -14.50
C LEU A 153 17.86 23.32 -15.65
N PRO A 154 19.13 23.23 -16.05
CA PRO A 154 19.49 22.38 -17.20
C PRO A 154 19.39 20.90 -16.87
N TRP A 155 19.28 20.08 -17.93
CA TRP A 155 18.99 18.67 -17.75
C TRP A 155 20.06 17.96 -16.94
N ASN A 156 21.28 18.47 -16.99
CA ASN A 156 22.40 17.74 -16.38
C ASN A 156 22.39 17.87 -14.87
N VAL A 157 21.63 18.83 -14.34
CA VAL A 157 21.42 18.90 -12.90
C VAL A 157 20.05 18.31 -12.61
N VAL A 158 19.09 18.45 -13.55
CA VAL A 158 17.76 17.90 -13.27
C VAL A 158 17.85 16.40 -13.02
N ARG A 159 18.66 15.71 -13.84
CA ARG A 159 18.72 14.25 -13.75
C ARG A 159 19.32 13.81 -12.43
N ILE A 160 20.24 14.57 -11.86
CA ILE A 160 20.75 14.26 -10.52
C ILE A 160 19.63 14.28 -9.47
N LYS A 161 18.75 15.24 -9.54
CA LYS A 161 17.63 15.28 -8.62
C LYS A 161 16.65 14.12 -8.85
N ILE A 162 16.39 13.76 -10.11
CA ILE A 162 15.49 12.63 -10.37
C ILE A 162 15.99 11.33 -9.74
N VAL A 163 17.30 11.09 -9.80
CA VAL A 163 17.88 9.87 -9.21
C VAL A 163 17.73 9.89 -7.69
N GLN A 164 18.03 11.02 -7.08
CA GLN A 164 17.98 11.12 -5.61
C GLN A 164 16.56 10.92 -5.09
N MET A 165 15.60 11.52 -5.76
CA MET A 165 14.18 11.40 -5.41
C MET A 165 13.63 9.98 -5.61
N LEU A 166 13.91 9.35 -6.76
CA LEU A 166 13.44 7.97 -6.94
C LEU A 166 14.12 7.02 -5.97
N SER A 167 15.44 7.20 -5.73
CA SER A 167 16.14 6.32 -4.81
C SER A 167 15.57 6.43 -3.40
N ASP A 168 15.34 7.66 -2.93
CA ASP A 168 14.80 7.82 -1.57
C ASP A 168 13.35 7.36 -1.46
N THR A 169 12.60 7.42 -2.55
CA THR A 169 11.21 7.00 -2.46
C THR A 169 11.06 5.48 -2.53
N LEU A 170 11.93 4.80 -3.29
CA LEU A 170 11.75 3.41 -3.68
C LEU A 170 12.71 2.41 -3.01
N LYS A 171 13.75 2.88 -2.30
CA LYS A 171 14.75 1.92 -1.83
C LYS A 171 14.14 0.90 -0.86
N ASN A 172 13.18 1.31 -0.05
CA ASN A 172 12.53 0.40 0.89
C ASN A 172 11.27 -0.22 0.33
N LEU A 173 10.95 0.02 -0.95
CA LEU A 173 9.73 -0.50 -1.54
C LEU A 173 9.95 -1.57 -2.59
N SER A 174 10.95 -1.42 -3.46
CA SER A 174 11.02 -2.24 -4.66
C SER A 174 12.45 -2.23 -5.22
N ASP A 175 12.71 -3.20 -6.10
CA ASP A 175 13.99 -3.31 -6.78
C ASP A 175 13.98 -2.59 -8.16
N ARG A 176 12.89 -1.88 -8.49
CA ARG A 176 12.84 -1.16 -9.75
C ARG A 176 11.95 0.08 -9.65
N VAL A 177 11.79 0.74 -10.81
CA VAL A 177 10.85 1.84 -10.97
C VAL A 177 9.98 1.48 -12.15
N VAL A 178 8.68 1.77 -12.02
CA VAL A 178 7.71 1.69 -13.12
C VAL A 178 7.06 3.06 -13.26
N PHE A 179 7.37 3.77 -14.35
CA PHE A 179 6.76 5.07 -14.62
C PHE A 179 5.39 4.79 -15.22
N VAL A 180 4.35 5.29 -14.57
CA VAL A 180 2.97 5.08 -14.98
C VAL A 180 2.55 6.38 -15.69
N LEU A 181 2.11 6.28 -16.94
CA LEU A 181 1.95 7.46 -17.82
C LEU A 181 0.51 7.50 -18.39
N TRP A 182 0.08 8.73 -18.72
CA TRP A 182 -1.11 9.05 -19.52
C TRP A 182 -0.41 9.83 -20.63
N ALA A 183 0.10 9.07 -21.60
CA ALA A 183 1.18 9.49 -22.48
C ALA A 183 0.58 10.42 -23.57
N HIS A 184 1.15 11.63 -23.67
CA HIS A 184 0.82 12.51 -24.79
C HIS A 184 2.05 12.98 -25.54
N GLY A 185 3.24 12.58 -25.13
CA GLY A 185 4.40 12.80 -25.99
C GLY A 185 5.64 13.34 -25.30
N PHE A 186 5.52 14.51 -24.66
CA PHE A 186 6.70 15.13 -24.05
C PHE A 186 7.36 14.19 -23.03
N GLU A 187 6.57 13.43 -22.28
CA GLU A 187 7.19 12.60 -21.26
C GLU A 187 8.06 11.53 -21.90
N LEU A 188 7.67 11.04 -23.07
CA LEU A 188 8.42 9.96 -23.68
C LEU A 188 9.68 10.46 -24.39
N THR A 189 9.57 11.59 -25.07
CA THR A 189 10.74 12.23 -25.65
C THR A 189 11.67 12.83 -24.62
N SER A 190 11.26 12.97 -23.34
CA SER A 190 12.11 13.54 -22.28
C SER A 190 12.96 12.48 -21.60
N MET A 191 12.68 11.21 -21.86
CA MET A 191 13.35 10.14 -21.15
C MET A 191 14.82 10.04 -21.53
N LYS A 192 15.14 10.26 -22.82
CA LYS A 192 16.54 10.24 -23.25
C LYS A 192 17.44 11.18 -22.45
N TYR A 193 16.91 12.17 -21.73
CA TYR A 193 17.74 13.15 -21.02
C TYR A 193 18.08 12.74 -19.58
N PHE A 194 17.35 11.80 -18.97
CA PHE A 194 17.77 11.26 -17.68
C PHE A 194 17.77 9.73 -17.61
N VAL A 195 17.62 9.02 -18.73
CA VAL A 195 17.55 7.55 -18.72
C VAL A 195 18.66 6.94 -19.56
N LYS A 196 19.23 5.83 -19.09
CA LYS A 196 20.07 4.96 -19.92
C LYS A 196 19.58 3.52 -19.79
N ILE A 197 19.77 2.75 -20.86
CA ILE A 197 19.35 1.35 -20.87
C ILE A 197 20.51 0.48 -21.36
N GLY A 198 20.34 -0.81 -21.22
CA GLY A 198 21.41 -1.73 -21.45
C GLY A 198 21.01 -3.06 -20.86
N PRO A 199 21.98 -3.95 -20.69
CA PRO A 199 21.67 -5.28 -20.14
C PRO A 199 21.41 -5.18 -18.64
N GLU A 200 20.61 -6.10 -18.11
CA GLU A 200 20.45 -6.11 -16.67
C GLU A 200 21.82 -6.18 -16.02
N ARG A 201 22.01 -5.45 -14.91
CA ARG A 201 23.27 -5.48 -14.17
C ARG A 201 23.03 -5.55 -12.67
N THR A 202 24.12 -5.64 -11.92
CA THR A 202 24.03 -5.65 -10.47
C THR A 202 24.71 -4.42 -9.90
N CYS A 203 24.33 -4.08 -8.67
CA CYS A 203 24.93 -2.92 -8.01
C CYS A 203 26.41 -3.12 -7.85
N CYS A 204 27.15 -2.01 -7.89
CA CYS A 204 28.60 -2.09 -7.69
C CYS A 204 28.95 -2.43 -6.25
N LEU A 205 28.04 -2.15 -5.31
CA LEU A 205 28.29 -2.31 -3.89
C LEU A 205 27.48 -3.41 -3.21
N CYS A 206 26.52 -4.04 -3.90
CA CYS A 206 25.77 -5.14 -3.31
C CYS A 206 25.27 -6.03 -4.43
N ASP A 207 24.36 -6.94 -4.10
CA ASP A 207 23.84 -7.91 -5.06
C ASP A 207 22.48 -7.55 -5.65
N ARG A 208 21.92 -6.42 -5.26
CA ARG A 208 20.66 -5.99 -5.85
C ARG A 208 20.86 -5.61 -7.32
N ARG A 209 19.82 -5.76 -8.13
CA ARG A 209 19.91 -5.31 -9.51
C ARG A 209 20.11 -3.80 -9.54
N ALA A 210 20.78 -3.33 -10.60
CA ALA A 210 21.15 -1.94 -10.77
C ALA A 210 19.96 -1.12 -11.28
N THR A 211 19.76 0.03 -10.69
CA THR A 211 18.66 0.90 -11.12
C THR A 211 19.15 2.29 -11.48
N CYS A 212 20.42 2.57 -11.25
CA CYS A 212 21.02 3.85 -11.57
C CYS A 212 22.40 3.64 -12.22
N PHE A 213 22.88 4.68 -12.90
CA PHE A 213 24.17 4.66 -13.55
C PHE A 213 24.85 6.01 -13.34
N SER A 214 26.17 6.00 -13.18
CA SER A 214 26.90 7.24 -12.98
C SER A 214 27.95 7.42 -14.08
N THR A 215 27.84 8.54 -14.82
CA THR A 215 28.80 8.85 -15.88
C THR A 215 30.15 9.29 -15.32
N ALA A 216 30.18 9.82 -14.09
CA ALA A 216 31.45 10.22 -13.48
C ALA A 216 32.40 9.03 -13.34
N SER A 217 31.88 7.88 -12.90
CA SER A 217 32.68 6.69 -12.63
C SER A 217 32.34 5.46 -13.47
N ASP A 218 31.36 5.50 -14.36
CA ASP A 218 31.05 4.34 -15.20
C ASP A 218 30.68 3.14 -14.33
N THR A 219 29.82 3.39 -13.36
CA THR A 219 29.43 2.38 -12.41
C THR A 219 27.90 2.37 -12.30
N TYR A 220 27.40 1.25 -11.78
CA TYR A 220 26.00 0.98 -11.56
C TYR A 220 25.73 0.79 -10.08
N ALA A 221 24.51 1.14 -9.67
CA ALA A 221 24.12 1.06 -8.27
C ALA A 221 22.63 0.72 -8.19
N CYS A 222 22.23 0.12 -7.06
CA CYS A 222 20.82 -0.06 -6.76
C CYS A 222 20.24 1.21 -6.14
N TRP A 223 18.96 1.20 -5.74
CA TRP A 223 18.39 2.37 -5.07
C TRP A 223 19.09 2.71 -3.77
N HIS A 224 19.75 1.75 -3.11
CA HIS A 224 20.35 2.03 -1.80
C HIS A 224 21.71 2.71 -1.89
N HIS A 225 22.42 2.60 -3.03
CA HIS A 225 23.83 2.95 -3.14
C HIS A 225 24.09 3.97 -4.24
N SER A 226 23.08 4.78 -4.52
CA SER A 226 23.01 5.60 -5.71
C SER A 226 23.39 7.05 -5.46
N ILE A 227 23.91 7.34 -4.28
CA ILE A 227 24.17 8.72 -3.92
C ILE A 227 25.19 9.29 -4.90
N GLY A 228 24.82 10.38 -5.57
CA GLY A 228 25.74 11.03 -6.50
C GLY A 228 25.65 10.52 -7.92
N PHE A 229 24.74 9.58 -8.18
CA PHE A 229 24.56 9.06 -9.52
C PHE A 229 23.62 9.98 -10.29
N ASP A 230 23.76 9.93 -11.57
CA ASP A 230 23.18 10.96 -12.40
C ASP A 230 22.25 10.43 -13.47
N TYR A 231 22.20 9.10 -13.73
CA TYR A 231 21.17 8.58 -14.64
C TYR A 231 20.37 7.42 -14.01
N VAL A 232 19.04 7.36 -14.37
CA VAL A 232 18.17 6.20 -14.10
C VAL A 232 18.49 5.12 -15.14
N TYR A 233 18.68 3.89 -14.67
CA TYR A 233 19.15 2.79 -15.51
C TYR A 233 18.06 1.73 -15.55
N ASN A 234 17.68 1.33 -16.77
CA ASN A 234 16.67 0.32 -17.05
C ASN A 234 15.37 0.52 -16.23
N PRO A 235 14.76 1.70 -16.32
CA PRO A 235 13.41 1.89 -15.78
C PRO A 235 12.43 1.05 -16.58
N PHE A 236 11.27 0.78 -15.98
CA PHE A 236 10.13 0.24 -16.73
C PHE A 236 9.01 1.27 -16.77
N MET A 237 8.02 1.02 -17.64
CA MET A 237 6.97 2.01 -17.87
C MET A 237 5.77 1.36 -18.53
N ILE A 238 4.62 2.01 -18.31
CA ILE A 238 3.33 1.54 -18.82
C ILE A 238 2.45 2.76 -19.11
N ASP A 239 1.88 2.80 -20.33
CA ASP A 239 1.00 3.90 -20.74
C ASP A 239 -0.44 3.48 -20.51
N VAL A 240 -1.09 4.10 -19.50
CA VAL A 240 -2.46 3.77 -19.10
C VAL A 240 -3.46 3.98 -20.24
N GLN A 241 -3.18 4.92 -21.14
CA GLN A 241 -4.06 5.19 -22.26
C GLN A 241 -4.12 4.02 -23.26
N GLN A 242 -3.29 3.00 -23.09
CA GLN A 242 -3.42 1.82 -23.94
C GLN A 242 -4.52 0.89 -23.47
N TRP A 243 -5.12 1.14 -22.32
CA TRP A 243 -6.07 0.20 -21.75
C TRP A 243 -7.48 0.40 -22.29
N GLY A 244 -7.70 1.44 -23.06
CA GLY A 244 -8.95 1.53 -23.80
C GLY A 244 -9.93 2.42 -23.08
N PHE A 245 -9.61 3.70 -23.06
CA PHE A 245 -10.39 4.70 -22.34
C PHE A 245 -10.99 5.66 -23.35
N THR A 246 -12.08 6.29 -22.94
CA THR A 246 -12.68 7.39 -23.69
C THR A 246 -12.58 8.64 -22.85
N GLY A 247 -12.07 9.72 -23.42
CA GLY A 247 -11.98 10.96 -22.68
C GLY A 247 -10.61 11.16 -22.03
N ASN A 248 -10.44 12.36 -21.48
CA ASN A 248 -9.15 12.80 -21.00
C ASN A 248 -8.89 12.18 -19.62
N LEU A 249 -7.69 12.40 -19.08
CA LEU A 249 -7.31 11.83 -17.80
C LEU A 249 -8.25 12.30 -16.71
N GLN A 250 -8.45 13.62 -16.61
CA GLN A 250 -9.25 14.11 -15.51
C GLN A 250 -10.68 13.55 -15.52
N SER A 251 -11.30 13.38 -16.70
CA SER A 251 -12.69 12.91 -16.72
C SER A 251 -12.79 11.44 -16.32
N ASN A 252 -11.75 10.66 -16.56
CA ASN A 252 -11.78 9.26 -16.11
C ASN A 252 -11.40 9.13 -14.66
N HIS A 253 -10.46 9.95 -14.18
CA HIS A 253 -10.07 9.87 -12.77
C HIS A 253 -11.18 10.35 -11.85
N ASP A 254 -11.77 11.51 -12.20
CA ASP A 254 -12.82 12.09 -11.35
C ASP A 254 -14.09 11.24 -11.29
N LEU A 255 -14.22 10.21 -12.10
CA LEU A 255 -15.39 9.33 -12.00
C LEU A 255 -15.34 8.52 -10.72
N TYR A 256 -14.13 8.23 -10.20
CA TYR A 256 -13.93 7.37 -9.04
C TYR A 256 -13.35 8.11 -7.84
N CYS A 257 -12.85 9.34 -7.99
CA CYS A 257 -12.06 9.92 -6.93
C CYS A 257 -12.25 11.42 -6.84
N GLN A 258 -12.50 11.89 -5.62
CA GLN A 258 -12.59 13.31 -5.32
C GLN A 258 -11.47 13.85 -4.43
N VAL A 259 -10.52 13.04 -4.00
CA VAL A 259 -9.51 13.56 -3.09
C VAL A 259 -8.33 14.21 -3.81
N HIS A 260 -8.11 13.90 -5.08
CA HIS A 260 -7.00 14.47 -5.85
C HIS A 260 -7.53 15.54 -6.80
N GLY A 261 -6.96 16.72 -6.72
CA GLY A 261 -7.39 17.82 -7.56
C GLY A 261 -6.74 17.88 -8.92
N ASN A 262 -7.13 18.91 -9.65
CA ASN A 262 -6.54 19.22 -10.94
C ASN A 262 -6.04 20.65 -10.94
N ALA A 263 -4.87 20.86 -10.37
CA ALA A 263 -4.30 22.19 -10.18
C ALA A 263 -3.35 22.64 -11.28
N HIS A 264 -3.42 22.10 -12.50
CA HIS A 264 -2.62 22.60 -13.60
C HIS A 264 -1.13 22.73 -13.21
N VAL A 265 -0.64 21.71 -12.55
CA VAL A 265 0.76 21.38 -12.37
C VAL A 265 0.92 19.96 -12.84
N ALA A 266 2.11 19.65 -13.38
CA ALA A 266 2.38 18.31 -13.89
C ALA A 266 2.22 17.25 -12.81
N SER A 267 2.63 17.55 -11.57
CA SER A 267 2.54 16.56 -10.50
C SER A 267 1.10 16.12 -10.26
N CYS A 268 0.14 17.03 -10.45
CA CYS A 268 -1.27 16.68 -10.30
C CYS A 268 -1.69 15.63 -11.32
N ASP A 269 -1.24 15.77 -12.58
CA ASP A 269 -1.52 14.75 -13.56
C ASP A 269 -0.86 13.42 -13.19
N ALA A 270 0.40 13.45 -12.75
CA ALA A 270 1.10 12.23 -12.36
C ALA A 270 0.38 11.52 -11.21
N ILE A 271 -0.09 12.30 -10.24
CA ILE A 271 -0.87 11.72 -9.16
C ILE A 271 -2.16 11.11 -9.69
N MET A 272 -2.90 11.84 -10.54
CA MET A 272 -4.16 11.28 -11.03
C MET A 272 -3.94 10.00 -11.83
N THR A 273 -2.85 9.95 -12.61
CA THR A 273 -2.57 8.84 -13.51
C THR A 273 -2.35 7.58 -12.71
N ARG A 274 -1.49 7.68 -11.67
CA ARG A 274 -1.27 6.54 -10.79
C ARG A 274 -2.54 6.15 -10.05
N CYS A 275 -3.34 7.13 -9.61
CA CYS A 275 -4.59 6.79 -8.91
C CYS A 275 -5.51 6.01 -9.85
N LEU A 276 -5.65 6.46 -11.08
CA LEU A 276 -6.54 5.75 -12.01
C LEU A 276 -6.04 4.33 -12.21
N ALA A 277 -4.73 4.19 -12.43
CA ALA A 277 -4.17 2.86 -12.63
C ALA A 277 -4.54 1.99 -11.44
N VAL A 278 -4.25 2.47 -10.22
CA VAL A 278 -4.55 1.67 -9.04
C VAL A 278 -6.03 1.33 -8.97
N HIS A 279 -6.89 2.30 -9.30
CA HIS A 279 -8.33 2.01 -9.27
C HIS A 279 -8.68 0.84 -10.19
N GLU A 280 -8.10 0.84 -11.42
CA GLU A 280 -8.41 -0.16 -12.43
C GLU A 280 -7.88 -1.53 -12.06
N CYS A 281 -6.72 -1.58 -11.39
CA CYS A 281 -6.03 -2.83 -11.14
C CYS A 281 -6.30 -3.42 -9.76
N PHE A 282 -6.83 -2.64 -8.82
CA PHE A 282 -7.03 -3.11 -7.44
C PHE A 282 -8.39 -2.79 -6.87
N VAL A 283 -9.18 -1.90 -7.49
CA VAL A 283 -10.49 -1.54 -6.96
C VAL A 283 -11.57 -2.27 -7.74
N LYS A 284 -11.68 -1.97 -9.03
CA LYS A 284 -12.68 -2.64 -9.86
C LYS A 284 -12.30 -4.11 -10.10
N ARG A 285 -11.01 -4.40 -10.24
CA ARG A 285 -10.47 -5.72 -10.48
C ARG A 285 -9.62 -6.08 -9.28
N VAL A 286 -9.66 -7.33 -8.85
CA VAL A 286 -8.94 -7.75 -7.64
C VAL A 286 -8.42 -9.16 -7.84
N ASP A 287 -7.12 -9.36 -7.60
CA ASP A 287 -6.48 -10.67 -7.71
C ASP A 287 -5.75 -10.97 -6.40
N TRP A 288 -6.37 -11.76 -5.53
CA TRP A 288 -5.74 -12.14 -4.26
C TRP A 288 -4.83 -13.35 -4.41
N THR A 289 -4.69 -13.91 -5.61
CA THR A 289 -3.67 -14.93 -5.82
C THR A 289 -2.28 -14.35 -5.98
N ILE A 290 -2.17 -13.06 -6.34
CA ILE A 290 -0.85 -12.47 -6.54
C ILE A 290 -0.19 -12.28 -5.19
N GLU A 291 1.07 -12.69 -5.10
CA GLU A 291 1.83 -12.66 -3.86
C GLU A 291 2.98 -11.68 -4.03
N TYR A 292 3.34 -10.98 -2.96
CA TYR A 292 4.34 -9.94 -3.06
C TYR A 292 5.47 -10.17 -2.07
N PRO A 293 6.73 -9.88 -2.45
CA PRO A 293 7.86 -10.21 -1.58
C PRO A 293 7.78 -9.49 -0.23
N ILE A 294 8.55 -10.01 0.73
CA ILE A 294 8.67 -9.47 2.07
C ILE A 294 9.71 -8.35 2.05
N ILE A 295 9.30 -7.15 2.46
CA ILE A 295 10.21 -6.01 2.51
C ILE A 295 10.28 -5.39 3.89
N GLY A 296 9.55 -5.94 4.85
CA GLY A 296 9.41 -5.32 6.14
C GLY A 296 9.13 -6.31 7.24
N ASP A 297 8.31 -5.87 8.19
CA ASP A 297 7.86 -6.67 9.33
C ASP A 297 6.57 -7.41 9.04
N GLU A 298 6.30 -7.72 7.77
CA GLU A 298 5.07 -8.43 7.43
C GLU A 298 4.80 -9.58 8.40
N LEU A 299 5.79 -10.43 8.65
CA LEU A 299 5.48 -11.65 9.39
C LEU A 299 5.20 -11.36 10.85
N LYS A 300 5.97 -10.46 11.44
CA LYS A 300 5.75 -10.13 12.84
C LYS A 300 4.41 -9.43 13.01
N ILE A 301 4.03 -8.62 12.01
CA ILE A 301 2.76 -7.92 12.04
C ILE A 301 1.60 -8.90 11.97
N ASN A 302 1.67 -9.88 11.06
CA ASN A 302 0.60 -10.85 10.93
C ASN A 302 0.52 -11.75 12.15
N ALA A 303 1.67 -12.17 12.69
CA ALA A 303 1.65 -12.95 13.93
C ALA A 303 1.01 -12.13 15.04
N ALA A 304 1.39 -10.86 15.17
CA ALA A 304 0.88 -10.00 16.22
C ALA A 304 -0.64 -9.81 16.13
N CYS A 305 -1.16 -9.75 14.90
CA CYS A 305 -2.59 -9.60 14.66
C CYS A 305 -3.38 -10.82 15.12
N ARG A 306 -2.88 -12.02 14.82
CA ARG A 306 -3.56 -13.22 15.30
C ARG A 306 -3.50 -13.31 16.83
N LYS A 307 -2.38 -12.88 17.42
CA LYS A 307 -2.26 -12.92 18.89
C LYS A 307 -3.22 -11.94 19.54
N VAL A 308 -3.30 -10.71 19.03
CA VAL A 308 -4.20 -9.70 19.61
C VAL A 308 -5.64 -10.12 19.41
N GLN A 309 -5.95 -10.77 18.29
CA GLN A 309 -7.31 -11.21 18.01
C GLN A 309 -7.77 -12.26 19.01
N HIS A 310 -6.95 -13.29 19.22
CA HIS A 310 -7.23 -14.29 20.25
C HIS A 310 -7.38 -13.65 21.64
N MET A 311 -6.44 -12.81 22.04
CA MET A 311 -6.52 -12.14 23.34
C MET A 311 -7.82 -11.35 23.50
N VAL A 312 -8.16 -10.52 22.52
CA VAL A 312 -9.29 -9.60 22.72
C VAL A 312 -10.62 -10.32 22.72
N VAL A 313 -10.82 -11.32 21.87
CA VAL A 313 -12.12 -11.98 21.80
C VAL A 313 -12.27 -12.87 23.03
N LYS A 314 -11.22 -13.61 23.38
CA LYS A 314 -11.27 -14.45 24.58
C LYS A 314 -11.72 -13.64 25.80
N ALA A 315 -11.12 -12.48 26.02
CA ALA A 315 -11.44 -11.69 27.20
C ALA A 315 -12.86 -11.10 27.13
N ALA A 316 -13.30 -10.74 25.93
CA ALA A 316 -14.67 -10.25 25.76
C ALA A 316 -15.71 -11.33 26.07
N LEU A 317 -15.45 -12.56 25.65
CA LEU A 317 -16.32 -13.65 26.03
C LEU A 317 -16.28 -13.89 27.54
N LEU A 318 -15.10 -13.99 28.11
CA LEU A 318 -15.00 -14.24 29.54
C LEU A 318 -15.65 -13.14 30.37
N ALA A 319 -15.50 -11.88 29.97
CA ALA A 319 -16.01 -10.74 30.74
C ALA A 319 -17.52 -10.55 30.60
N ASP A 320 -18.10 -10.73 29.39
CA ASP A 320 -19.52 -10.46 29.16
C ASP A 320 -20.35 -11.71 28.88
N LYS A 321 -19.70 -12.83 28.59
CA LYS A 321 -20.35 -14.14 28.56
C LYS A 321 -21.48 -14.19 27.54
N PHE A 322 -21.25 -13.54 26.41
CA PHE A 322 -22.21 -13.57 25.32
C PHE A 322 -22.55 -15.02 24.96
N PRO A 323 -23.83 -15.36 24.79
CA PRO A 323 -24.17 -16.73 24.40
C PRO A 323 -23.85 -17.00 22.91
N VAL A 324 -23.74 -16.00 22.02
CA VAL A 324 -23.45 -16.24 20.60
C VAL A 324 -22.54 -15.15 20.04
N LEU A 325 -21.73 -15.54 19.04
CA LEU A 325 -20.81 -14.63 18.41
C LEU A 325 -20.99 -14.71 16.89
N HIS A 326 -21.25 -13.57 16.28
CA HIS A 326 -21.45 -13.50 14.83
C HIS A 326 -20.13 -13.00 14.22
N ASP A 327 -19.44 -13.89 13.52
CA ASP A 327 -18.10 -13.60 13.01
C ASP A 327 -18.24 -13.26 11.53
N ILE A 328 -18.16 -11.96 11.19
CA ILE A 328 -18.55 -11.45 9.89
C ILE A 328 -17.31 -11.05 9.11
N GLY A 329 -17.13 -11.65 7.94
CA GLY A 329 -15.91 -11.33 7.19
C GLY A 329 -15.38 -12.56 6.46
N ASN A 330 -14.07 -12.72 6.50
CA ASN A 330 -13.40 -13.63 5.60
C ASN A 330 -14.08 -15.00 5.54
N PRO A 331 -14.43 -15.50 4.33
CA PRO A 331 -15.10 -16.81 4.20
C PRO A 331 -14.26 -18.00 4.63
N LYS A 332 -12.96 -17.82 4.80
CA LYS A 332 -12.07 -18.89 5.27
C LYS A 332 -11.68 -18.72 6.74
N ALA A 333 -12.31 -17.78 7.45
CA ALA A 333 -12.01 -17.56 8.87
C ALA A 333 -12.18 -18.84 9.67
N ILE A 334 -11.32 -19.00 10.66
CA ILE A 334 -11.38 -20.10 11.62
C ILE A 334 -11.70 -19.46 12.97
N LYS A 335 -12.18 -20.27 13.90
CA LYS A 335 -12.46 -19.77 15.25
C LYS A 335 -11.16 -19.30 15.89
N CYS A 336 -11.11 -18.01 16.26
CA CYS A 336 -9.92 -17.47 16.96
C CYS A 336 -9.90 -17.81 18.45
N VAL A 337 -11.01 -18.25 19.04
CA VAL A 337 -10.98 -18.76 20.41
C VAL A 337 -11.62 -20.14 20.43
N PRO A 338 -10.88 -21.17 20.01
CA PRO A 338 -11.49 -22.48 19.76
C PRO A 338 -12.00 -23.18 21.00
N GLN A 339 -11.55 -22.81 22.17
CA GLN A 339 -12.06 -23.44 23.39
C GLN A 339 -13.19 -22.67 24.05
N ALA A 340 -13.65 -21.56 23.47
CA ALA A 340 -14.72 -20.78 24.08
C ALA A 340 -16.04 -21.53 23.97
N ASP A 341 -16.88 -21.43 25.01
CA ASP A 341 -18.15 -22.17 25.03
C ASP A 341 -19.17 -21.67 24.00
N VAL A 342 -19.01 -20.43 23.54
CA VAL A 342 -20.06 -19.74 22.83
C VAL A 342 -20.49 -20.49 21.59
N GLU A 343 -21.69 -20.14 21.11
CA GLU A 343 -22.19 -20.56 19.81
C GLU A 343 -21.58 -19.63 18.76
N TRP A 344 -20.75 -20.19 17.90
CA TRP A 344 -19.97 -19.44 16.94
C TRP A 344 -20.56 -19.55 15.53
N LYS A 345 -21.00 -18.44 15.00
CA LYS A 345 -21.68 -18.38 13.73
C LYS A 345 -20.89 -17.49 12.79
N PHE A 346 -20.66 -17.99 11.56
CA PHE A 346 -19.88 -17.33 10.53
C PHE A 346 -20.76 -16.80 9.39
N TYR A 347 -20.33 -15.68 8.81
CA TYR A 347 -21.04 -14.95 7.78
C TYR A 347 -19.94 -14.51 6.82
N ASP A 348 -20.11 -14.79 5.53
CA ASP A 348 -19.02 -14.62 4.56
C ASP A 348 -19.08 -13.22 3.96
N ALA A 349 -17.98 -12.50 4.05
CA ALA A 349 -17.81 -11.32 3.21
C ALA A 349 -16.34 -11.15 2.86
N GLN A 350 -16.08 -10.92 1.58
CA GLN A 350 -14.72 -10.71 1.12
C GLN A 350 -14.29 -9.28 1.42
N PRO A 351 -12.97 -9.03 1.42
CA PRO A 351 -12.46 -7.66 1.64
C PRO A 351 -13.11 -6.66 0.71
N CYS A 352 -13.88 -5.70 1.18
CA CYS A 352 -14.40 -4.68 0.27
C CYS A 352 -13.28 -3.79 -0.20
N SER A 353 -13.15 -3.62 -1.49
CA SER A 353 -12.06 -2.85 -2.05
C SER A 353 -12.45 -1.44 -2.47
N ASP A 354 -13.75 -1.13 -2.52
CA ASP A 354 -14.17 0.17 -3.03
C ASP A 354 -14.82 1.08 -1.99
N LYS A 355 -16.09 0.83 -1.64
CA LYS A 355 -16.75 1.50 -0.52
C LYS A 355 -16.99 0.50 0.60
N ALA A 356 -16.97 0.99 1.83
CA ALA A 356 -17.25 0.19 3.02
C ALA A 356 -18.60 -0.46 2.90
N TYR A 357 -18.72 -1.69 3.36
CA TYR A 357 -20.04 -2.30 3.24
C TYR A 357 -21.07 -1.50 4.04
N LYS A 358 -22.30 -1.49 3.55
CA LYS A 358 -23.44 -0.99 4.31
C LYS A 358 -23.93 -2.09 5.24
N ILE A 359 -23.98 -1.79 6.54
CA ILE A 359 -24.43 -2.76 7.53
C ILE A 359 -25.82 -3.29 7.20
N GLU A 360 -26.69 -2.44 6.62
CA GLU A 360 -28.05 -2.88 6.34
C GLU A 360 -28.09 -4.00 5.31
N GLU A 361 -27.22 -3.91 4.28
CA GLU A 361 -27.06 -5.03 3.35
C GLU A 361 -26.42 -6.24 3.99
N LEU A 362 -25.38 -6.04 4.81
CA LEU A 362 -24.78 -7.20 5.47
C LEU A 362 -25.80 -7.91 6.37
N PHE A 363 -26.57 -7.14 7.13
CA PHE A 363 -27.45 -7.73 8.13
C PHE A 363 -28.89 -7.81 7.62
N LYS A 372 -30.45 -12.88 14.29
CA LYS A 372 -30.43 -11.99 15.43
C LYS A 372 -28.99 -11.51 15.71
N PHE A 373 -28.58 -10.50 14.96
CA PHE A 373 -27.27 -9.89 15.14
C PHE A 373 -27.21 -8.99 16.36
N THR A 374 -28.35 -8.70 16.97
CA THR A 374 -28.40 -7.93 18.22
C THR A 374 -28.27 -8.81 19.45
N ASP A 375 -28.32 -10.13 19.30
CA ASP A 375 -27.95 -11.05 20.38
C ASP A 375 -26.44 -11.24 20.42
N GLY A 376 -25.91 -11.38 21.62
CA GLY A 376 -24.47 -11.67 21.77
C GLY A 376 -23.63 -10.57 21.15
N VAL A 377 -22.57 -10.97 20.45
CA VAL A 377 -21.62 -10.00 19.99
C VAL A 377 -21.25 -10.28 18.55
N CYS A 378 -20.92 -9.23 17.82
CA CYS A 378 -20.49 -9.30 16.44
C CYS A 378 -18.99 -9.03 16.37
N LEU A 379 -18.25 -9.90 15.70
CA LEU A 379 -16.83 -9.67 15.47
C LEU A 379 -16.63 -9.25 14.02
N PHE A 380 -15.98 -8.11 13.81
CA PHE A 380 -15.67 -7.54 12.48
C PHE A 380 -14.16 -7.36 12.40
N TRP A 381 -13.44 -8.42 12.07
CA TRP A 381 -11.97 -8.35 12.05
C TRP A 381 -11.53 -8.05 10.61
N ASN A 382 -11.29 -6.77 10.34
CA ASN A 382 -11.06 -6.23 8.99
C ASN A 382 -12.24 -6.50 8.07
N CYS A 383 -13.45 -6.31 8.56
CA CYS A 383 -14.65 -6.22 7.73
C CYS A 383 -15.09 -4.77 7.85
N ASN A 384 -14.64 -3.97 6.92
CA ASN A 384 -14.89 -2.53 6.96
C ASN A 384 -16.35 -2.26 6.62
N VAL A 385 -17.11 -1.75 7.58
CA VAL A 385 -18.50 -1.37 7.35
C VAL A 385 -18.66 0.13 7.58
N ASP A 386 -19.78 0.67 7.10
CA ASP A 386 -20.01 2.09 7.25
C ASP A 386 -20.32 2.49 8.69
N ARG A 387 -21.02 1.66 9.48
CA ARG A 387 -21.35 1.96 10.87
C ARG A 387 -21.51 0.65 11.65
N TYR A 388 -20.60 0.39 12.58
CA TYR A 388 -20.61 -0.86 13.33
C TYR A 388 -21.76 -0.84 14.34
N PRO A 389 -22.45 -1.96 14.52
CA PRO A 389 -23.49 -2.03 15.57
C PRO A 389 -22.83 -1.85 16.93
N ALA A 390 -23.64 -1.64 17.96
CA ALA A 390 -23.12 -1.31 19.28
C ALA A 390 -22.49 -2.51 19.99
N ASN A 391 -22.95 -3.72 19.68
CA ASN A 391 -22.43 -4.94 20.34
C ASN A 391 -21.33 -5.57 19.47
N SER A 392 -20.28 -4.79 19.20
CA SER A 392 -19.22 -5.29 18.32
C SER A 392 -17.84 -5.25 18.94
N ILE A 393 -16.99 -6.13 18.42
CA ILE A 393 -15.52 -6.09 18.53
C ILE A 393 -14.97 -5.87 17.13
N VAL A 394 -14.04 -4.91 16.97
CA VAL A 394 -13.68 -4.47 15.63
C VAL A 394 -12.19 -4.20 15.51
N CYS A 395 -11.59 -4.69 14.45
CA CYS A 395 -10.27 -4.29 13.99
C CYS A 395 -10.41 -3.67 12.60
N ARG A 396 -10.04 -2.39 12.49
CA ARG A 396 -10.14 -1.63 11.26
C ARG A 396 -8.80 -1.02 10.89
N PHE A 397 -8.37 -1.22 9.67
CA PHE A 397 -7.12 -0.65 9.16
C PHE A 397 -7.26 0.85 8.85
N ASP A 398 -6.35 1.65 9.38
CA ASP A 398 -6.35 3.09 9.21
C ASP A 398 -5.49 3.43 8.01
N THR A 399 -6.16 3.86 6.90
CA THR A 399 -5.54 4.10 5.60
C THR A 399 -4.54 5.25 5.62
N ARG A 400 -4.61 6.16 6.61
CA ARG A 400 -3.72 7.30 6.75
C ARG A 400 -2.32 6.94 7.26
N VAL A 401 -2.08 5.72 7.67
CA VAL A 401 -0.80 5.38 8.30
C VAL A 401 0.32 5.40 7.28
N LEU A 402 1.48 5.86 7.72
CA LEU A 402 2.67 5.92 6.89
C LEU A 402 3.54 4.70 7.16
N SER A 403 3.64 3.80 6.18
CA SER A 403 4.55 2.67 6.30
C SER A 403 4.99 2.24 4.91
N ASN A 404 6.05 1.45 4.84
CA ASN A 404 6.47 0.87 3.56
C ASN A 404 5.47 -0.15 3.03
N LEU A 405 4.55 -0.61 3.84
CA LEU A 405 3.57 -1.59 3.37
C LEU A 405 2.34 -0.93 2.78
N ASN A 406 2.07 0.32 3.17
CA ASN A 406 0.83 1.03 2.83
C ASN A 406 1.14 2.10 1.78
N LEU A 407 0.64 1.91 0.58
CA LEU A 407 0.78 2.80 -0.56
C LEU A 407 -0.44 3.69 -0.71
N PRO A 408 -0.27 4.90 -1.24
CA PRO A 408 -1.43 5.77 -1.50
C PRO A 408 -2.43 5.14 -2.47
N GLY A 409 -3.70 5.28 -2.16
CA GLY A 409 -4.71 4.64 -3.01
C GLY A 409 -5.70 5.61 -3.61
N CYS A 410 -6.90 5.13 -3.90
N CYS A 410 -6.90 5.11 -3.89
CA CYS A 410 -7.90 5.86 -4.68
CA CYS A 410 -7.90 5.87 -4.62
C CYS A 410 -9.01 6.38 -3.77
C CYS A 410 -8.96 6.41 -3.69
N ASP A 411 -9.29 7.68 -3.85
CA ASP A 411 -10.42 8.29 -3.16
C ASP A 411 -10.27 8.22 -1.65
N GLY A 412 -9.04 8.43 -1.18
CA GLY A 412 -8.72 8.40 0.23
C GLY A 412 -8.36 7.03 0.78
N GLY A 413 -8.70 5.97 0.03
CA GLY A 413 -8.33 4.61 0.35
C GLY A 413 -6.83 4.45 0.23
N SER A 414 -6.32 3.29 0.65
CA SER A 414 -4.89 3.01 0.61
C SER A 414 -4.71 1.58 0.15
N LEU A 415 -3.54 1.29 -0.40
CA LEU A 415 -3.28 0.00 -1.01
C LEU A 415 -2.33 -0.67 -0.03
N TYR A 416 -2.87 -1.53 0.86
CA TYR A 416 -2.06 -2.23 1.87
C TYR A 416 -1.54 -3.53 1.24
N VAL A 417 -0.21 -3.64 1.14
CA VAL A 417 0.45 -4.76 0.44
C VAL A 417 1.28 -5.52 1.47
N ASN A 418 0.73 -6.64 1.93
CA ASN A 418 1.34 -7.51 2.93
C ASN A 418 0.98 -8.94 2.52
N LYS A 419 1.93 -9.59 1.84
CA LYS A 419 1.73 -10.86 1.13
C LYS A 419 0.77 -10.71 -0.06
N HIS A 420 -0.37 -10.09 0.16
CA HIS A 420 -1.38 -9.84 -0.86
C HIS A 420 -1.67 -8.35 -0.89
N ALA A 421 -2.33 -7.89 -1.95
CA ALA A 421 -2.65 -6.47 -2.14
C ALA A 421 -4.12 -6.23 -1.81
N PHE A 422 -4.38 -5.40 -0.79
CA PHE A 422 -5.73 -5.15 -0.28
C PHE A 422 -5.99 -3.66 -0.42
N HIS A 423 -6.75 -3.25 -1.42
CA HIS A 423 -7.16 -1.85 -1.41
C HIS A 423 -8.25 -1.68 -0.36
N THR A 424 -8.19 -0.58 0.40
CA THR A 424 -8.98 -0.44 1.59
C THR A 424 -9.67 0.91 1.58
N PRO A 425 -10.97 0.98 1.82
CA PRO A 425 -11.67 2.27 1.77
C PRO A 425 -11.22 3.19 2.88
N ALA A 426 -11.34 4.50 2.64
CA ALA A 426 -10.71 5.46 3.53
C ALA A 426 -11.23 5.32 4.96
N PHE A 427 -10.31 5.49 5.92
CA PHE A 427 -10.67 5.50 7.32
C PHE A 427 -11.69 6.62 7.61
N ASP A 428 -12.74 6.28 8.34
CA ASP A 428 -13.80 7.24 8.69
C ASP A 428 -14.18 7.02 10.15
N LYS A 429 -13.86 8.01 11.00
CA LYS A 429 -14.11 7.87 12.44
C LYS A 429 -15.59 7.75 12.79
N SER A 430 -16.48 8.25 11.94
CA SER A 430 -17.91 8.13 12.21
C SER A 430 -18.37 6.67 12.24
N ALA A 431 -17.59 5.75 11.65
CA ALA A 431 -18.00 4.35 11.61
C ALA A 431 -18.07 3.75 13.00
N PHE A 432 -17.38 4.35 13.95
CA PHE A 432 -17.23 3.79 15.28
C PHE A 432 -18.05 4.53 16.32
N VAL A 433 -19.07 5.25 15.89
CA VAL A 433 -19.78 6.14 16.78
C VAL A 433 -20.42 5.36 17.89
N ASN A 434 -20.85 4.12 17.63
CA ASN A 434 -21.50 3.35 18.67
C ASN A 434 -20.54 2.58 19.55
N LEU A 435 -19.23 2.73 19.36
CA LEU A 435 -18.24 1.99 20.12
C LEU A 435 -17.25 2.95 20.77
N LYS A 436 -16.26 2.36 21.47
CA LYS A 436 -15.12 3.09 22.03
C LYS A 436 -13.82 2.43 21.61
N GLN A 437 -12.73 3.17 21.76
CA GLN A 437 -11.41 2.59 21.53
C GLN A 437 -11.14 1.49 22.55
N LEU A 438 -10.50 0.40 22.11
CA LEU A 438 -10.17 -0.70 23.01
C LEU A 438 -8.87 -0.41 23.78
N PRO A 439 -8.91 -0.41 25.12
CA PRO A 439 -7.68 -0.19 25.89
C PRO A 439 -6.73 -1.38 25.86
N PHE A 440 -5.45 -1.09 25.94
CA PHE A 440 -4.49 -2.17 26.06
C PHE A 440 -4.74 -2.94 27.36
N PHE A 441 -4.52 -4.25 27.33
CA PHE A 441 -4.55 -5.12 28.51
C PHE A 441 -3.91 -6.44 28.11
N TYR A 442 -3.31 -7.12 29.10
CA TYR A 442 -2.87 -8.49 28.91
C TYR A 442 -3.64 -9.34 29.91
N TYR A 443 -4.29 -10.37 29.42
CA TYR A 443 -5.03 -11.31 30.26
C TYR A 443 -4.50 -12.71 30.04
N SER A 444 -4.28 -13.43 31.11
CA SER A 444 -3.93 -14.83 31.01
C SER A 444 -4.39 -15.61 32.25
N ASP A 445 -4.93 -16.80 32.00
CA ASP A 445 -5.30 -17.78 33.01
C ASP A 445 -4.39 -18.99 32.98
N SER A 446 -3.28 -18.92 32.28
CA SER A 446 -2.32 -20.01 32.26
C SER A 446 -1.62 -20.16 33.61
N PRO A 447 -1.12 -21.37 33.91
CA PRO A 447 -0.36 -21.57 35.15
C PRO A 447 0.80 -20.62 35.26
N CYS A 448 1.09 -20.19 36.49
CA CYS A 448 2.26 -19.36 36.80
C CYS A 448 3.44 -20.31 36.96
N GLU A 449 4.06 -20.67 35.84
CA GLU A 449 5.19 -21.60 35.85
C GLU A 449 6.14 -21.22 34.71
N SER A 450 7.45 -21.17 35.01
CA SER A 450 8.46 -20.59 34.10
C SER A 450 8.88 -21.56 32.98
N HIS A 451 9.58 -22.64 33.36
CA HIS A 451 10.17 -23.61 32.42
C HIS A 451 11.25 -23.00 31.58
N TYR A 461 16.47 -9.77 34.23
CA TYR A 461 15.07 -9.54 34.53
C TYR A 461 14.96 -8.38 35.52
N VAL A 462 13.98 -7.54 35.26
CA VAL A 462 13.50 -6.53 36.20
C VAL A 462 12.07 -6.86 36.54
N PRO A 463 11.70 -6.94 37.82
CA PRO A 463 10.34 -7.33 38.15
C PRO A 463 9.31 -6.43 37.46
N LEU A 464 8.17 -7.01 37.09
CA LEU A 464 7.19 -6.28 36.30
C LEU A 464 6.14 -5.74 37.25
N LYS A 465 5.83 -4.47 37.09
CA LYS A 465 4.71 -3.81 37.75
C LYS A 465 3.81 -3.14 36.70
N SER A 466 2.54 -3.55 36.67
CA SER A 466 1.58 -2.98 35.73
C SER A 466 0.17 -3.31 36.20
N ALA A 467 -0.71 -2.29 36.20
CA ALA A 467 -2.14 -2.45 36.38
C ALA A 467 -2.80 -3.17 35.22
N THR A 468 -2.14 -3.33 34.08
CA THR A 468 -2.80 -3.91 32.93
C THR A 468 -2.40 -5.35 32.69
N CYS A 469 -1.67 -5.97 33.61
CA CYS A 469 -1.29 -7.40 33.54
C CYS A 469 -2.31 -8.18 34.35
N ILE A 470 -3.37 -8.65 33.69
CA ILE A 470 -4.49 -9.26 34.40
C ILE A 470 -4.18 -10.75 34.51
N THR A 471 -3.52 -11.13 35.59
CA THR A 471 -3.20 -12.52 35.88
C THR A 471 -3.47 -12.78 37.35
N ARG A 472 -3.64 -14.07 37.64
CA ARG A 472 -3.79 -14.53 39.02
C ARG A 472 -2.67 -14.00 39.92
N CYS A 473 -1.45 -13.94 39.39
CA CYS A 473 -0.29 -13.55 40.19
C CYS A 473 -0.32 -12.07 40.50
N ASN A 474 -0.69 -11.23 39.55
CA ASN A 474 -0.84 -9.81 39.85
C ASN A 474 -2.00 -9.59 40.84
N LEU A 475 -3.09 -10.35 40.71
CA LEU A 475 -4.14 -10.22 41.70
C LEU A 475 -3.60 -10.47 43.10
N GLY A 476 -2.67 -11.42 43.22
CA GLY A 476 -2.08 -11.83 44.48
C GLY A 476 -0.91 -11.01 44.94
N GLY A 477 -0.50 -9.98 44.20
CA GLY A 477 0.44 -8.99 44.68
C GLY A 477 1.72 -8.90 43.87
N ALA A 478 2.13 -9.98 43.22
CA ALA A 478 3.45 -10.01 42.60
C ALA A 478 3.44 -10.84 41.33
N VAL A 479 3.71 -10.18 40.20
CA VAL A 479 3.66 -10.85 38.91
C VAL A 479 4.81 -11.85 38.80
N CYS A 480 4.47 -13.09 38.55
CA CYS A 480 5.45 -14.12 38.32
C CYS A 480 6.21 -13.87 37.00
N ARG A 481 7.35 -14.55 36.89
CA ARG A 481 8.30 -14.34 35.79
C ARG A 481 7.75 -14.81 34.45
N HIS A 482 7.06 -15.95 34.41
CA HIS A 482 6.46 -16.41 33.17
C HIS A 482 5.50 -15.38 32.60
N HIS A 483 4.53 -14.94 33.43
CA HIS A 483 3.59 -13.91 32.98
C HIS A 483 4.28 -12.56 32.74
N ALA A 484 5.33 -12.20 33.49
CA ALA A 484 6.06 -10.98 33.14
C ALA A 484 6.67 -11.11 31.75
N ASN A 485 7.24 -12.28 31.40
CA ASN A 485 7.80 -12.45 30.06
C ASN A 485 6.73 -12.36 29.00
N GLU A 486 5.62 -13.06 29.18
CA GLU A 486 4.54 -13.07 28.19
C GLU A 486 3.87 -11.72 28.06
N TYR A 487 3.71 -10.98 29.16
CA TYR A 487 3.16 -9.64 29.11
C TYR A 487 4.00 -8.77 28.16
N ARG A 488 5.33 -8.77 28.35
CA ARG A 488 6.18 -7.91 27.54
C ARG A 488 6.21 -8.37 26.08
N LEU A 489 6.08 -9.66 25.82
CA LEU A 489 5.97 -10.10 24.44
C LEU A 489 4.66 -9.61 23.85
N TYR A 490 3.59 -9.66 24.64
CA TYR A 490 2.29 -9.30 24.09
C TYR A 490 2.21 -7.80 23.85
N LEU A 491 2.77 -7.01 24.75
CA LEU A 491 2.85 -5.57 24.52
C LEU A 491 3.64 -5.24 23.26
N ASP A 492 4.76 -5.93 23.02
CA ASP A 492 5.52 -5.65 21.82
C ASP A 492 4.70 -5.97 20.57
N ALA A 493 3.94 -7.07 20.61
CA ALA A 493 3.13 -7.42 19.44
C ALA A 493 1.96 -6.45 19.27
N TYR A 494 1.27 -6.11 20.38
CA TYR A 494 0.28 -5.05 20.37
C TYR A 494 0.83 -3.76 19.74
N ASN A 495 1.98 -3.29 20.22
CA ASN A 495 2.48 -2.01 19.71
C ASN A 495 2.85 -2.08 18.24
N MET A 496 3.30 -3.26 17.78
CA MET A 496 3.62 -3.46 16.37
C MET A 496 2.38 -3.35 15.50
N MET A 497 1.29 -3.96 15.96
CA MET A 497 0.08 -3.98 15.17
C MET A 497 -0.54 -2.60 15.10
N ILE A 498 -0.49 -1.84 16.18
CA ILE A 498 -1.02 -0.49 16.13
C ILE A 498 -0.19 0.35 15.18
N SER A 499 1.13 0.33 15.37
CA SER A 499 2.02 1.13 14.53
C SER A 499 1.91 0.74 13.05
N ALA A 500 1.53 -0.50 12.73
CA ALA A 500 1.33 -0.88 11.33
C ALA A 500 0.05 -0.30 10.74
N GLY A 501 -0.82 0.33 11.54
CA GLY A 501 -1.99 1.02 11.03
C GLY A 501 -3.32 0.51 11.56
N PHE A 502 -3.35 -0.61 12.28
CA PHE A 502 -4.59 -1.22 12.73
C PHE A 502 -5.11 -0.50 13.96
N SER A 503 -6.44 -0.44 14.06
CA SER A 503 -7.12 0.20 15.18
C SER A 503 -8.19 -0.73 15.71
N LEU A 504 -8.39 -0.70 17.02
CA LEU A 504 -9.25 -1.62 17.75
C LEU A 504 -10.34 -0.88 18.51
N TRP A 505 -11.54 -1.41 18.39
CA TRP A 505 -12.77 -0.77 18.88
C TRP A 505 -13.63 -1.86 19.47
N VAL A 506 -14.37 -1.50 20.55
CA VAL A 506 -15.16 -2.47 21.31
C VAL A 506 -16.44 -1.83 21.83
N TYR A 507 -17.41 -2.70 22.17
CA TYR A 507 -18.68 -2.28 22.76
C TYR A 507 -18.45 -1.47 24.02
N LYS A 508 -19.27 -0.42 24.23
CA LYS A 508 -18.97 0.55 25.31
C LYS A 508 -18.93 -0.06 26.71
N GLN A 509 -19.57 -1.21 26.96
CA GLN A 509 -19.57 -1.81 28.29
C GLN A 509 -18.35 -2.66 28.57
N PHE A 510 -17.46 -2.84 27.60
CA PHE A 510 -16.29 -3.66 27.90
C PHE A 510 -15.48 -3.03 29.05
N ASP A 511 -15.10 -3.86 30.00
CA ASP A 511 -14.45 -3.37 31.22
C ASP A 511 -13.51 -4.43 31.75
N THR A 512 -12.23 -4.10 31.79
CA THR A 512 -11.30 -5.17 32.15
C THR A 512 -11.48 -5.58 33.60
N TYR A 513 -12.04 -4.72 34.44
CA TYR A 513 -12.20 -5.11 35.85
C TYR A 513 -12.95 -6.40 35.96
N ASN A 514 -13.84 -6.66 35.01
CA ASN A 514 -14.67 -7.87 35.01
C ASN A 514 -13.86 -9.15 34.83
N LEU A 515 -12.59 -9.06 34.46
CA LEU A 515 -11.80 -10.26 34.25
C LEU A 515 -11.12 -10.76 35.53
N TRP A 516 -10.99 -9.92 36.54
CA TRP A 516 -10.26 -10.29 37.74
C TRP A 516 -11.03 -11.42 38.42
#